data_9CYM
#
_entry.id   9CYM
#
_cell.length_a   187.652
_cell.length_b   187.652
_cell.length_c   124.057
_cell.angle_alpha   90.000
_cell.angle_beta   90.000
_cell.angle_gamma   120.000
#
_symmetry.space_group_name_H-M   'P 65 2 2'
#
loop_
_entity.id
_entity.type
_entity.pdbx_description
1 polymer 'Secreted lymphocyte activation gene 3 protein'
2 polymer 'H-2 class II histocompatibility antigen, A-B alpha chain'
3 polymer 'Class-II-associated invariant chain peptide'
4 polymer 'H-2 class II histocompatibility antigen, A beta chain'
5 non-polymer 2-acetamido-2-deoxy-beta-D-glucopyranose
#
loop_
_entity_poly.entity_id
_entity_poly.type
_entity_poly.pdbx_seq_one_letter_code
_entity_poly.pdbx_strand_id
1 'polypeptide(L)'
;SGPGKELPVVWAQEGAPVHLPCSLKSPNLDPNFLRRGGVIWQHQPDSGQPTPIPALDLHQGMPSPRQPAPGRYTVLSVAP
GGLRSGRQPLHPHVQLEERGLQRGDFSLWLRPALRTDAGEYHATVRLPNRALSCSLRLRVGQASMIASPSGVLKLSDWVL
LNCSFSRPDRPVSVHWFQGQNRVPVYNSPRHFLAETFLLLPQVSPLDSGTWGCVLTYRDGFNVSITYNLKVLG
;
L
2 'polypeptide(L)'
;EDDIEADHVGTYGISVYQSPGDIGQYTFEFDGDELFYVDLDKKETVWMLPEFGQLASFDPQGGLQNIAVVKHNLGVLTKR
SNSTPATNEAPQATVFPKSPVLLGQPNTLICFVDNIFPPVINITWLRNSKSVADGVYETSFFVNRDYSFHKLSYLTFIPS
DDDIYDCKVEHWGLEEPVLKHWEPEIPAPMSELTE
;
A
3 'polypeptide(L)' GPVSKMRMATPLLMQA P
4 'polypeptide(L)'
;GDSERHFVYQFMGECYFTNGTQRIRYVTRYIYNREEYVRYDSDVGEHRAVTELGRPDAEYWNSQPEILERTRAELDTVCR
HNYEGPETHTSLRRLEQPNVVISLSRTEALNHHNTLVCSVTDFYPAKIKVRWFRNGQEETVGVSSTQLIRNGDWTFQVLV
MLEMTPRRGEVYTCHVEHPSLKSPITVEWRA
;
B
#
# COMPACT_ATOMS: atom_id res chain seq x y z
N LYS A 5 3.26 34.49 -11.26
CA LYS A 5 4.67 34.47 -11.65
C LYS A 5 5.58 34.43 -10.43
N GLU A 6 6.89 34.44 -10.69
CA GLU A 6 7.91 34.38 -9.64
C GLU A 6 7.61 33.25 -8.66
N LEU A 7 7.65 32.03 -9.19
CA LEU A 7 7.24 30.86 -8.44
C LEU A 7 8.05 30.77 -7.14
N PRO A 8 7.41 30.48 -6.01
CA PRO A 8 8.15 30.36 -4.75
C PRO A 8 9.01 29.11 -4.74
N VAL A 9 10.03 29.14 -3.89
CA VAL A 9 10.98 28.05 -3.75
C VAL A 9 10.92 27.54 -2.31
N VAL A 10 10.94 26.21 -2.17
CA VAL A 10 10.94 25.56 -0.86
C VAL A 10 12.13 24.61 -0.79
N TRP A 11 12.84 24.64 0.33
CA TRP A 11 13.99 23.78 0.53
C TRP A 11 13.58 22.49 1.23
N ALA A 12 14.46 21.49 1.15
CA ALA A 12 14.19 20.19 1.76
C ALA A 12 15.51 19.57 2.21
N GLN A 13 15.53 19.05 3.43
CA GLN A 13 16.69 18.36 3.98
C GLN A 13 16.62 16.89 3.59
N GLU A 14 17.67 16.41 2.91
CA GLU A 14 17.69 15.03 2.44
C GLU A 14 17.56 14.05 3.61
N GLY A 15 16.70 13.05 3.43
CA GLY A 15 16.45 12.06 4.45
C GLY A 15 15.40 12.46 5.48
N ALA A 16 14.69 13.56 5.26
CA ALA A 16 13.68 14.03 6.21
C ALA A 16 12.42 14.38 5.45
N PRO A 17 11.25 13.94 5.94
CA PRO A 17 9.99 14.24 5.23
C PRO A 17 9.77 15.75 5.12
N VAL A 18 9.47 16.20 3.91
CA VAL A 18 9.28 17.62 3.61
C VAL A 18 7.79 17.92 3.51
N HIS A 19 7.40 19.08 4.04
CA HIS A 19 6.01 19.51 4.02
C HIS A 19 5.76 20.33 2.76
N LEU A 20 4.86 19.86 1.91
CA LEU A 20 4.50 20.54 0.67
C LEU A 20 2.99 20.75 0.63
N PRO A 21 2.49 21.75 1.36
CA PRO A 21 1.05 21.95 1.46
C PRO A 21 0.51 22.93 0.42
N CYS A 22 -0.80 22.84 0.21
CA CYS A 22 -1.54 23.79 -0.61
C CYS A 22 -3.04 23.63 -0.38
N SER A 23 -3.62 24.50 0.43
CA SER A 23 -5.04 24.47 0.74
C SER A 23 -5.73 25.69 0.14
N LEU A 24 -7.06 25.59 0.00
CA LEU A 24 -7.88 26.67 -0.53
C LEU A 24 -8.14 27.65 0.60
N LYS A 25 -7.24 28.63 0.75
CA LYS A 25 -7.34 29.74 1.72
C LYS A 25 -7.72 29.15 3.08
N SER A 26 -8.72 29.69 3.77
CA SER A 26 -9.24 29.06 4.98
C SER A 26 -10.71 29.38 5.22
N PRO A 27 -11.63 29.09 4.27
CA PRO A 27 -13.05 29.18 4.61
C PRO A 27 -13.63 27.81 4.96
N ASN A 28 -14.35 27.73 6.07
CA ASN A 28 -14.99 26.49 6.46
C ASN A 28 -16.08 26.13 5.46
N LEU A 29 -16.02 24.92 4.93
CA LEU A 29 -16.92 24.48 3.87
C LEU A 29 -17.66 23.21 4.30
N ASP A 30 -18.65 22.84 3.48
CA ASP A 30 -19.38 21.60 3.70
C ASP A 30 -18.52 20.42 3.29
N PRO A 31 -18.31 19.44 4.18
CA PRO A 31 -17.46 18.29 3.82
C PRO A 31 -17.99 17.49 2.63
N ASN A 32 -19.31 17.51 2.39
CA ASN A 32 -19.86 16.79 1.26
C ASN A 32 -19.38 17.37 -0.07
N PHE A 33 -19.32 18.71 -0.15
CA PHE A 33 -18.72 19.36 -1.30
C PHE A 33 -17.20 19.26 -1.32
N LEU A 34 -16.59 18.82 -0.21
CA LEU A 34 -15.13 18.70 -0.18
C LEU A 34 -14.66 17.36 -0.70
N ARG A 35 -15.43 16.29 -0.43
CA ARG A 35 -15.07 14.96 -0.92
C ARG A 35 -15.14 14.86 -2.43
N ARG A 36 -15.88 15.74 -3.09
CA ARG A 36 -15.98 15.75 -4.55
C ARG A 36 -14.97 16.75 -5.12
N GLY A 37 -13.70 16.35 -5.05
CA GLY A 37 -12.62 17.17 -5.55
C GLY A 37 -11.41 16.37 -6.00
N GLY A 38 -11.07 16.48 -7.29
CA GLY A 38 -9.91 15.79 -7.81
C GLY A 38 -8.63 16.60 -7.67
N VAL A 39 -7.51 15.90 -7.73
CA VAL A 39 -6.19 16.51 -7.56
C VAL A 39 -5.22 15.87 -8.54
N ILE A 40 -4.39 16.70 -9.17
CA ILE A 40 -3.32 16.27 -10.06
C ILE A 40 -2.07 17.04 -9.71
N TRP A 41 -0.93 16.34 -9.66
CA TRP A 41 0.34 16.96 -9.33
C TRP A 41 1.39 16.52 -10.35
N GLN A 42 2.09 17.49 -10.92
CA GLN A 42 3.12 17.23 -11.91
C GLN A 42 4.46 17.81 -11.44
N HIS A 43 5.54 17.21 -11.91
CA HIS A 43 6.89 17.59 -11.55
C HIS A 43 7.74 17.66 -12.81
N GLN A 44 8.65 18.63 -12.84
CA GLN A 44 9.65 18.75 -13.91
C GLN A 44 11.01 19.00 -13.28
N PRO A 45 11.78 17.93 -13.02
CA PRO A 45 13.13 18.13 -12.49
C PRO A 45 14.00 18.96 -13.42
N ASP A 46 14.35 20.16 -12.98
CA ASP A 46 15.09 21.09 -13.81
C ASP A 46 16.01 21.92 -12.93
N SER A 47 16.86 22.72 -13.58
CA SER A 47 17.80 23.57 -12.88
C SER A 47 18.29 24.63 -13.85
N GLY A 48 18.91 25.68 -13.29
CA GLY A 48 19.50 26.70 -14.14
C GLY A 48 20.63 26.15 -14.99
N GLN A 49 21.37 25.19 -14.46
CA GLN A 49 22.45 24.57 -15.22
C GLN A 49 21.86 23.67 -16.31
N PRO A 50 22.67 23.24 -17.27
CA PRO A 50 22.12 22.45 -18.38
C PRO A 50 21.85 21.00 -17.99
N THR A 51 21.05 20.80 -16.94
CA THR A 51 20.64 19.44 -16.59
C THR A 51 19.82 18.79 -17.70
N PRO A 52 18.93 19.49 -18.39
CA PRO A 52 18.29 18.92 -19.58
C PRO A 52 19.06 19.30 -20.84
N ILE A 53 18.73 18.61 -21.93
CA ILE A 53 19.39 18.88 -23.21
C ILE A 53 19.18 20.33 -23.64
N PRO A 54 17.98 20.92 -23.54
CA PRO A 54 17.57 22.30 -23.83
C PRO A 54 18.17 22.86 -25.13
N GLY A 71 12.21 17.99 -18.47
CA GLY A 71 10.93 17.42 -18.87
C GLY A 71 9.97 17.20 -17.72
N ARG A 72 8.68 17.47 -17.97
CA ARG A 72 7.67 17.31 -16.94
C ARG A 72 7.05 15.92 -17.00
N TYR A 73 6.38 15.56 -15.90
CA TYR A 73 5.71 14.27 -15.80
C TYR A 73 4.69 14.35 -14.68
N THR A 74 3.74 13.42 -14.71
CA THR A 74 2.71 13.30 -13.69
C THR A 74 3.16 12.27 -12.66
N VAL A 75 3.28 12.71 -11.40
CA VAL A 75 3.74 11.82 -10.34
C VAL A 75 2.57 11.09 -9.68
N LEU A 76 1.48 11.80 -9.38
CA LEU A 76 0.32 11.16 -8.77
C LEU A 76 -0.90 12.02 -8.98
N SER A 77 -2.04 11.37 -9.18
CA SER A 77 -3.33 12.04 -9.32
C SER A 77 -4.41 11.14 -8.73
N VAL A 78 -5.35 11.74 -8.02
CA VAL A 78 -6.41 11.01 -7.32
C VAL A 78 -7.74 11.67 -7.60
N ALA A 79 -8.63 10.95 -8.28
CA ALA A 79 -10.00 11.39 -8.47
C ALA A 79 -10.77 11.29 -7.14
N PRO A 80 -11.89 12.00 -7.02
CA PRO A 80 -12.64 11.97 -5.75
C PRO A 80 -12.98 10.58 -5.24
N GLY A 81 -13.09 9.60 -6.13
CA GLY A 81 -13.32 8.23 -5.69
C GLY A 81 -12.24 7.67 -4.79
N GLY A 82 -11.03 8.23 -4.85
CA GLY A 82 -9.93 7.78 -4.03
C GLY A 82 -8.91 6.88 -4.71
N LEU A 83 -8.92 6.82 -6.04
CA LEU A 83 -8.02 5.93 -6.77
C LEU A 83 -6.75 6.66 -7.18
N ARG A 84 -5.63 5.95 -7.11
CA ARG A 84 -4.34 6.52 -7.46
C ARG A 84 -4.08 6.36 -8.96
N SER A 85 -3.22 7.24 -9.47
CA SER A 85 -2.88 7.24 -10.89
C SER A 85 -1.61 8.07 -11.07
N GLY A 86 -0.50 7.40 -11.42
CA GLY A 86 0.76 8.09 -11.59
C GLY A 86 1.71 7.44 -12.57
N ARG A 87 3.00 7.75 -12.44
CA ARG A 87 4.02 7.14 -13.27
C ARG A 87 4.03 5.63 -13.09
N GLN A 88 4.41 4.92 -14.15
CA GLN A 88 4.35 3.46 -14.15
C GLN A 88 5.07 2.83 -12.96
N PRO A 89 6.31 3.20 -12.62
CA PRO A 89 6.87 2.73 -11.35
C PRO A 89 6.24 3.48 -10.19
N LEU A 90 5.59 2.75 -9.29
CA LEU A 90 4.92 3.37 -8.15
C LEU A 90 5.93 4.10 -7.26
N HIS A 91 5.57 5.32 -6.85
CA HIS A 91 6.40 6.10 -5.96
C HIS A 91 6.03 5.77 -4.52
N PRO A 92 6.84 5.02 -3.78
CA PRO A 92 6.46 4.64 -2.42
C PRO A 92 6.54 5.79 -1.42
N HIS A 93 7.28 6.85 -1.73
CA HIS A 93 7.43 7.97 -0.81
C HIS A 93 6.11 8.74 -0.68
N VAL A 94 5.53 9.13 -1.80
CA VAL A 94 4.30 9.93 -1.78
C VAL A 94 3.15 9.08 -1.26
N GLN A 95 2.56 9.49 -0.14
CA GLN A 95 1.38 8.83 0.42
C GLN A 95 0.53 9.92 1.04
N LEU A 96 -0.54 10.30 0.35
CA LEU A 96 -1.40 11.37 0.83
C LEU A 96 -2.02 10.98 2.17
N GLU A 97 -2.03 11.93 3.11
CA GLU A 97 -2.52 11.66 4.45
C GLU A 97 -4.00 11.30 4.48
N GLU A 98 -4.74 11.58 3.40
CA GLU A 98 -6.17 11.31 3.30
C GLU A 98 -6.98 12.10 4.32
N ARG A 99 -6.52 12.12 5.58
CA ARG A 99 -7.15 12.95 6.61
C ARG A 99 -7.18 14.41 6.17
N GLY A 100 -6.02 14.95 5.80
CA GLY A 100 -5.97 16.32 5.33
C GLY A 100 -6.79 16.56 4.08
N LEU A 101 -6.93 15.53 3.23
CA LEU A 101 -7.79 15.65 2.06
C LEU A 101 -9.24 15.90 2.47
N GLN A 102 -9.68 15.26 3.54
CA GLN A 102 -11.02 15.47 4.10
C GLN A 102 -11.07 16.67 5.03
N ARG A 103 -9.99 17.43 5.13
CA ARG A 103 -9.93 18.63 5.97
C ARG A 103 -9.56 19.86 5.15
N GLY A 104 -9.95 19.88 3.88
CA GLY A 104 -9.68 21.02 3.02
C GLY A 104 -8.21 21.29 2.78
N ASP A 105 -7.42 20.24 2.59
CA ASP A 105 -5.98 20.38 2.41
C ASP A 105 -5.49 19.36 1.40
N PHE A 106 -4.58 19.79 0.53
CA PHE A 106 -3.96 18.94 -0.48
C PHE A 106 -2.44 19.11 -0.35
N SER A 107 -1.79 18.14 0.28
CA SER A 107 -0.37 18.25 0.61
C SER A 107 0.39 17.03 0.13
N LEU A 108 1.58 17.26 -0.42
CA LEU A 108 2.47 16.18 -0.80
C LEU A 108 3.25 15.70 0.43
N TRP A 109 3.19 14.39 0.69
CA TRP A 109 3.87 13.80 1.84
C TRP A 109 4.73 12.63 1.39
N LEU A 110 6.03 12.87 1.30
CA LEU A 110 7.01 11.81 1.06
C LEU A 110 7.73 11.49 2.35
N ARG A 111 8.00 10.22 2.59
CA ARG A 111 8.65 9.83 3.83
C ARG A 111 10.16 10.05 3.73
N PRO A 112 10.85 9.59 2.67
CA PRO A 112 12.26 9.95 2.51
C PRO A 112 12.47 11.11 1.54
N ALA A 113 13.20 12.13 1.96
CA ALA A 113 13.46 13.27 1.10
C ALA A 113 14.33 12.85 -0.09
N LEU A 114 13.73 12.82 -1.28
CA LEU A 114 14.43 12.38 -2.47
C LEU A 114 15.38 13.46 -2.96
N ARG A 115 16.65 13.09 -3.16
CA ARG A 115 17.63 14.02 -3.70
C ARG A 115 17.39 14.30 -5.17
N THR A 116 16.60 13.47 -5.85
CA THR A 116 16.27 13.66 -7.26
C THR A 116 15.01 14.48 -7.47
N ASP A 117 14.44 15.03 -6.40
CA ASP A 117 13.20 15.81 -6.48
C ASP A 117 13.45 17.30 -6.72
N ALA A 118 14.70 17.71 -6.92
CA ALA A 118 15.00 19.11 -7.18
C ALA A 118 14.42 19.55 -8.51
N GLY A 119 13.39 20.39 -8.48
CA GLY A 119 12.75 20.84 -9.69
C GLY A 119 11.56 21.75 -9.44
N GLU A 120 10.59 21.72 -10.34
CA GLU A 120 9.40 22.54 -10.26
C GLU A 120 8.17 21.65 -10.14
N TYR A 121 7.20 22.09 -9.32
CA TYR A 121 5.99 21.34 -9.07
C TYR A 121 4.77 22.21 -9.38
N HIS A 122 3.82 21.64 -10.11
CA HIS A 122 2.59 22.32 -10.46
C HIS A 122 1.40 21.49 -9.99
N ALA A 123 0.28 22.17 -9.71
CA ALA A 123 -0.88 21.53 -9.12
C ALA A 123 -2.12 21.75 -9.97
N THR A 124 -3.15 20.96 -9.70
CA THR A 124 -4.45 21.09 -10.33
C THR A 124 -5.49 20.49 -9.40
N VAL A 125 -6.31 21.35 -8.79
CA VAL A 125 -7.37 20.92 -7.89
C VAL A 125 -8.70 21.30 -8.53
N ARG A 126 -9.52 20.30 -8.81
CA ARG A 126 -10.77 20.48 -9.55
C ARG A 126 -11.95 20.25 -8.63
N LEU A 127 -12.79 21.27 -8.48
CA LEU A 127 -14.02 21.23 -7.70
C LEU A 127 -15.20 21.58 -8.59
N PRO A 128 -16.42 21.17 -8.22
CA PRO A 128 -17.58 21.48 -9.07
C PRO A 128 -17.83 22.96 -9.28
N ASN A 129 -17.38 23.82 -8.37
CA ASN A 129 -17.60 25.25 -8.49
C ASN A 129 -16.31 26.00 -8.83
N ARG A 130 -15.44 26.18 -7.84
CA ARG A 130 -14.19 26.91 -8.03
C ARG A 130 -13.05 25.93 -8.30
N ALA A 131 -11.85 26.48 -8.50
CA ALA A 131 -10.68 25.67 -8.78
C ALA A 131 -9.42 26.51 -8.57
N LEU A 132 -8.43 25.92 -7.91
CA LEU A 132 -7.13 26.54 -7.71
C LEU A 132 -6.04 25.63 -8.25
N SER A 133 -4.90 26.24 -8.59
CA SER A 133 -3.75 25.52 -9.14
C SER A 133 -2.47 26.18 -8.62
N CYS A 134 -1.99 25.69 -7.47
CA CYS A 134 -0.76 26.20 -6.90
C CYS A 134 0.45 25.70 -7.68
N SER A 135 1.60 26.35 -7.45
CA SER A 135 2.83 26.01 -8.15
C SER A 135 4.00 26.60 -7.39
N LEU A 136 5.12 25.88 -7.37
CA LEU A 136 6.30 26.32 -6.65
C LEU A 136 7.51 25.53 -7.14
N ARG A 137 8.61 25.63 -6.39
CA ARG A 137 9.87 24.97 -6.70
C ARG A 137 10.36 24.22 -5.48
N LEU A 138 11.17 23.19 -5.70
CA LEU A 138 11.74 22.40 -4.62
C LEU A 138 13.23 22.21 -4.87
N ARG A 139 14.03 22.48 -3.83
CA ARG A 139 15.47 22.32 -3.88
C ARG A 139 15.91 21.46 -2.71
N VAL A 140 16.68 20.41 -2.99
CA VAL A 140 17.13 19.47 -1.97
C VAL A 140 18.42 19.98 -1.36
N GLY A 141 18.39 20.26 -0.07
CA GLY A 141 19.57 20.71 0.64
C GLY A 141 20.08 19.69 1.64
N GLN A 142 21.14 18.96 1.28
CA GLN A 142 21.67 17.90 2.13
C GLN A 142 22.29 18.52 3.38
N ALA A 143 21.70 18.24 4.54
CA ALA A 143 22.15 18.81 5.80
C ALA A 143 23.16 17.87 6.47
N SER A 144 24.25 18.45 6.96
CA SER A 144 25.29 17.68 7.62
C SER A 144 26.08 18.59 8.54
N MET A 145 26.72 17.99 9.54
CA MET A 145 27.57 18.70 10.49
C MET A 145 29.00 18.21 10.31
N ILE A 146 29.88 19.11 9.90
CA ILE A 146 31.28 18.79 9.61
C ILE A 146 32.14 19.20 10.80
N ALA A 147 33.07 18.34 11.17
CA ALA A 147 33.99 18.59 12.28
C ALA A 147 35.37 18.95 11.75
N SER A 148 35.99 19.96 12.36
CA SER A 148 37.35 20.32 11.95
C SER A 148 38.36 19.25 12.37
N PRO A 149 38.37 18.74 13.62
CA PRO A 149 39.23 17.59 13.91
C PRO A 149 38.54 16.28 13.59
N SER A 150 38.69 15.81 12.36
CA SER A 150 38.02 14.59 11.91
C SER A 150 38.64 13.38 12.60
N GLY A 151 37.90 12.76 13.50
CA GLY A 151 38.34 11.59 14.22
C GLY A 151 37.93 11.67 15.67
N VAL A 152 38.53 10.80 16.47
CA VAL A 152 38.26 10.75 17.90
C VAL A 152 39.17 11.74 18.61
N LEU A 153 38.59 12.55 19.48
CA LEU A 153 39.35 13.60 20.16
C LEU A 153 40.28 13.00 21.21
N LYS A 154 41.37 13.72 21.48
CA LYS A 154 42.31 13.35 22.52
C LYS A 154 41.72 13.66 23.89
N LEU A 155 42.51 13.39 24.94
CA LEU A 155 42.05 13.68 26.30
C LEU A 155 41.78 15.16 26.49
N SER A 156 42.54 16.03 25.84
CA SER A 156 42.32 17.47 25.93
C SER A 156 42.86 18.13 24.66
N ASP A 157 41.95 18.58 23.80
CA ASP A 157 42.32 19.29 22.59
C ASP A 157 41.11 20.05 22.08
N TRP A 158 41.34 20.93 21.11
CA TRP A 158 40.28 21.76 20.57
C TRP A 158 39.38 20.95 19.64
N VAL A 159 38.24 21.55 19.27
CA VAL A 159 37.26 20.89 18.41
C VAL A 159 36.36 21.98 17.84
N LEU A 160 35.89 21.77 16.61
CA LEU A 160 35.00 22.72 15.94
C LEU A 160 33.94 21.95 15.17
N LEU A 161 32.69 22.42 15.26
CA LEU A 161 31.56 21.80 14.58
C LEU A 161 30.79 22.86 13.81
N ASN A 162 30.53 22.59 12.53
CA ASN A 162 29.73 23.47 11.68
C ASN A 162 28.63 22.64 11.04
N CYS A 163 27.38 22.91 11.44
CA CYS A 163 26.23 22.25 10.87
C CYS A 163 25.54 23.19 9.89
N SER A 164 25.30 22.71 8.67
CA SER A 164 24.69 23.53 7.63
C SER A 164 24.27 22.61 6.49
N PHE A 165 23.69 23.23 5.45
CA PHE A 165 23.31 22.53 4.22
C PHE A 165 23.44 23.51 3.07
N SER A 166 23.14 23.02 1.87
CA SER A 166 23.26 23.83 0.66
C SER A 166 22.11 24.82 0.60
N ARG A 167 22.32 25.99 1.19
CA ARG A 167 21.32 27.06 1.18
C ARG A 167 22.07 28.40 1.20
N PRO A 168 21.70 29.33 0.31
CA PRO A 168 22.44 30.60 0.27
C PRO A 168 22.13 31.52 1.44
N ASP A 169 20.86 31.62 1.83
CA ASP A 169 20.49 32.49 2.95
C ASP A 169 21.06 31.95 4.25
N ARG A 170 21.51 32.86 5.12
CA ARG A 170 22.14 32.53 6.39
C ARG A 170 21.09 32.31 7.47
N PRO A 171 21.31 31.36 8.37
CA PRO A 171 20.35 31.12 9.44
C PRO A 171 20.25 32.31 10.39
N VAL A 172 19.08 32.46 10.99
CA VAL A 172 18.84 33.56 11.93
C VAL A 172 19.19 33.16 13.36
N SER A 173 18.86 31.94 13.76
CA SER A 173 19.17 31.45 15.10
C SER A 173 19.63 30.01 15.01
N VAL A 174 20.65 29.67 15.79
CA VAL A 174 21.23 28.34 15.82
C VAL A 174 21.27 27.85 17.26
N HIS A 175 20.73 26.67 17.51
CA HIS A 175 20.69 26.08 18.84
C HIS A 175 21.51 24.80 18.86
N TRP A 176 22.17 24.55 20.00
CA TRP A 176 22.95 23.34 20.22
C TRP A 176 22.42 22.63 21.45
N PHE A 177 22.66 21.32 21.51
CA PHE A 177 22.25 20.52 22.65
C PHE A 177 23.15 19.31 22.78
N GLN A 178 23.24 18.78 24.00
CA GLN A 178 24.13 17.68 24.34
C GLN A 178 23.33 16.53 24.95
N GLY A 179 23.81 15.32 24.73
CA GLY A 179 23.23 14.14 25.32
C GLY A 179 22.04 13.62 24.55
N GLN A 180 21.68 12.36 24.85
CA GLN A 180 20.51 11.75 24.22
C GLN A 180 19.22 12.38 24.68
N ASN A 181 19.21 13.03 25.85
CA ASN A 181 18.03 13.74 26.33
C ASN A 181 17.87 15.12 25.70
N ARG A 182 18.84 15.56 24.90
CA ARG A 182 18.80 16.84 24.20
C ARG A 182 18.66 18.00 25.19
N VAL A 183 19.73 18.22 25.94
CA VAL A 183 19.83 19.32 26.89
C VAL A 183 20.43 20.51 26.16
N PRO A 184 19.69 21.61 25.99
CA PRO A 184 20.21 22.74 25.19
C PRO A 184 21.49 23.31 25.80
N VAL A 185 22.52 23.42 24.98
CA VAL A 185 23.80 23.95 25.39
C VAL A 185 23.84 25.45 25.11
N TYR A 186 24.23 26.23 26.10
CA TYR A 186 24.33 27.68 26.01
C TYR A 186 25.80 28.09 25.94
N ASN A 187 26.03 29.37 25.69
CA ASN A 187 27.39 29.89 25.62
C ASN A 187 28.00 29.88 27.02
N SER A 188 29.13 29.20 27.15
CA SER A 188 29.84 29.03 28.41
C SER A 188 31.29 29.43 28.24
N PRO A 189 32.03 29.63 29.33
CA PRO A 189 33.48 29.87 29.20
C PRO A 189 34.22 28.72 28.52
N ARG A 190 33.64 27.51 28.51
CA ARG A 190 34.21 26.39 27.79
C ARG A 190 33.40 26.01 26.56
N HIS A 191 32.26 26.66 26.32
CA HIS A 191 31.41 26.41 25.16
C HIS A 191 31.27 27.72 24.39
N PHE A 192 32.05 27.86 23.32
CA PHE A 192 32.07 29.08 22.53
C PHE A 192 31.13 28.93 21.34
N LEU A 193 30.31 29.95 21.11
CA LEU A 193 29.37 29.99 20.00
C LEU A 193 29.60 31.24 19.18
N ALA A 194 29.72 31.07 17.86
CA ALA A 194 29.90 32.21 16.95
C ALA A 194 29.27 31.83 15.62
N GLU A 195 28.23 32.55 15.24
CA GLU A 195 27.46 32.29 14.02
C GLU A 195 26.92 30.86 14.10
N THR A 196 27.30 29.96 13.21
CA THR A 196 26.82 28.58 13.26
C THR A 196 27.98 27.64 13.57
N PHE A 197 28.71 27.91 14.65
CA PHE A 197 29.86 27.11 15.02
C PHE A 197 29.83 26.83 16.52
N LEU A 198 30.43 25.71 16.91
CA LEU A 198 30.58 25.34 18.31
C LEU A 198 31.99 24.86 18.54
N LEU A 199 32.63 25.34 19.61
CA LEU A 199 34.01 25.01 19.90
C LEU A 199 34.18 24.76 21.39
N LEU A 200 34.98 23.74 21.71
CA LEU A 200 35.32 23.42 23.09
C LEU A 200 36.84 23.29 23.17
N PRO A 201 37.51 24.12 23.99
CA PRO A 201 38.98 24.06 24.04
C PRO A 201 39.52 22.81 24.70
N GLN A 202 38.95 22.44 25.85
CA GLN A 202 39.32 21.23 26.57
C GLN A 202 38.12 20.29 26.60
N VAL A 203 38.26 19.12 25.98
CA VAL A 203 37.17 18.16 25.85
C VAL A 203 37.35 17.12 26.95
N SER A 204 36.67 17.32 28.07
CA SER A 204 36.69 16.33 29.14
C SER A 204 35.93 15.08 28.72
N PRO A 205 36.21 13.94 29.34
CA PRO A 205 35.45 12.72 29.03
C PRO A 205 33.95 12.84 29.25
N LEU A 206 33.51 13.83 30.03
CA LEU A 206 32.09 14.05 30.22
C LEU A 206 31.43 14.66 28.98
N ASP A 207 32.22 15.21 28.07
CA ASP A 207 31.69 15.82 26.85
C ASP A 207 31.36 14.79 25.77
N SER A 208 31.60 13.51 26.02
CA SER A 208 31.24 12.47 25.07
C SER A 208 29.73 12.30 25.03
N GLY A 209 29.23 11.89 23.86
CA GLY A 209 27.83 11.65 23.66
C GLY A 209 27.34 12.25 22.36
N THR A 210 26.01 12.32 22.24
CA THR A 210 25.38 12.82 21.02
C THR A 210 25.14 14.32 21.15
N TRP A 211 25.89 15.09 20.37
CA TRP A 211 25.71 16.54 20.30
C TRP A 211 24.94 16.88 19.03
N GLY A 212 23.86 17.64 19.17
CA GLY A 212 23.03 18.00 18.04
C GLY A 212 22.86 19.48 17.85
N CYS A 213 22.43 19.89 16.65
CA CYS A 213 22.25 21.29 16.31
C CYS A 213 20.92 21.48 15.59
N VAL A 214 20.26 22.60 15.89
CA VAL A 214 18.96 22.93 15.30
C VAL A 214 19.06 24.30 14.64
N LEU A 215 18.65 24.37 13.38
CA LEU A 215 18.71 25.60 12.59
C LEU A 215 17.32 26.19 12.43
N THR A 216 17.29 27.48 12.11
CA THR A 216 16.06 28.20 11.83
C THR A 216 16.26 29.08 10.60
N TYR A 217 15.18 29.69 10.13
CA TYR A 217 15.22 30.51 8.92
C TYR A 217 14.03 31.46 8.94
N ARG A 218 13.95 32.30 7.91
CA ARG A 218 12.82 33.21 7.77
C ARG A 218 11.54 32.46 7.38
N ASP A 219 11.67 31.38 6.63
CA ASP A 219 10.54 30.54 6.27
C ASP A 219 10.24 29.48 7.33
N GLY A 220 11.07 29.38 8.35
CA GLY A 220 10.83 28.40 9.41
C GLY A 220 11.34 27.02 9.12
N PHE A 221 12.50 26.90 8.49
CA PHE A 221 13.08 25.59 8.16
C PHE A 221 13.90 25.11 9.35
N ASN A 222 13.44 24.04 9.98
CA ASN A 222 14.18 23.39 11.06
C ASN A 222 15.08 22.30 10.48
N VAL A 223 16.31 22.22 11.01
CA VAL A 223 17.24 21.17 10.68
C VAL A 223 17.87 20.70 11.98
N SER A 224 17.48 19.50 12.44
CA SER A 224 17.98 18.92 13.67
C SER A 224 18.90 17.77 13.29
N ILE A 225 20.20 18.07 13.17
CA ILE A 225 21.21 17.10 12.79
C ILE A 225 22.10 16.82 13.99
N THR A 226 22.38 15.54 14.24
CA THR A 226 23.15 15.10 15.39
C THR A 226 24.52 14.59 14.95
N TYR A 227 25.38 14.37 15.95
CA TYR A 227 26.72 13.85 15.71
C TYR A 227 27.24 13.25 17.01
N ASN A 228 27.79 12.04 16.92
CA ASN A 228 28.27 11.31 18.09
C ASN A 228 29.72 11.69 18.32
N LEU A 229 29.98 12.52 19.33
CA LEU A 229 31.33 12.96 19.66
C LEU A 229 31.93 11.98 20.66
N LYS A 230 33.10 11.43 20.32
CA LYS A 230 33.78 10.45 21.16
C LYS A 230 35.09 11.05 21.66
N VAL A 231 35.25 11.11 22.98
CA VAL A 231 36.46 11.61 23.61
C VAL A 231 37.23 10.41 24.16
N LEU A 232 38.55 10.56 24.21
CA LEU A 232 39.48 9.54 24.69
C LEU A 232 38.98 8.79 25.93
N GLU B 1 13.86 -7.43 0.11
CA GLU B 1 14.76 -8.47 0.58
C GLU B 1 13.97 -9.59 1.25
N ASP B 2 12.91 -9.21 1.97
CA ASP B 2 12.07 -10.19 2.65
C ASP B 2 11.15 -10.95 1.69
N ASP B 3 10.89 -10.40 0.50
CA ASP B 3 10.00 -11.02 -0.46
C ASP B 3 10.78 -12.00 -1.34
N ILE B 4 10.23 -13.18 -1.54
CA ILE B 4 10.78 -14.18 -2.44
C ILE B 4 9.78 -14.40 -3.56
N GLU B 5 10.29 -14.54 -4.78
CA GLU B 5 9.45 -14.60 -5.98
C GLU B 5 9.26 -16.06 -6.40
N ALA B 6 8.03 -16.37 -6.83
CA ALA B 6 7.69 -17.68 -7.37
C ALA B 6 6.76 -17.50 -8.54
N ASP B 7 6.70 -18.52 -9.39
CA ASP B 7 5.83 -18.47 -10.57
C ASP B 7 4.37 -18.40 -10.14
N HIS B 8 3.97 -19.23 -9.17
CA HIS B 8 2.63 -19.19 -8.60
C HIS B 8 2.74 -19.44 -7.11
N VAL B 9 1.84 -18.79 -6.35
CA VAL B 9 1.81 -18.92 -4.90
C VAL B 9 0.37 -19.11 -4.45
N GLY B 10 0.14 -20.13 -3.63
CA GLY B 10 -1.19 -20.40 -3.12
C GLY B 10 -1.20 -20.59 -1.61
N THR B 11 -2.12 -19.90 -0.93
CA THR B 11 -2.22 -20.06 0.51
C THR B 11 -2.91 -21.37 0.91
N TYR B 12 -3.77 -21.90 0.03
CA TYR B 12 -4.41 -23.19 0.25
C TYR B 12 -5.07 -23.28 1.62
N GLY B 13 -5.70 -22.19 2.04
CA GLY B 13 -6.36 -22.19 3.34
C GLY B 13 -5.75 -21.25 4.35
N ILE B 14 -6.52 -20.24 4.75
CA ILE B 14 -6.10 -19.28 5.77
C ILE B 14 -7.10 -19.36 6.92
N SER B 15 -6.57 -19.49 8.14
CA SER B 15 -7.38 -19.61 9.34
C SER B 15 -7.21 -18.37 10.20
N VAL B 16 -8.32 -17.76 10.59
CA VAL B 16 -8.32 -16.56 11.44
C VAL B 16 -9.27 -16.80 12.60
N TYR B 17 -8.82 -16.50 13.81
CA TYR B 17 -9.64 -16.65 15.00
C TYR B 17 -9.41 -15.45 15.91
N GLN B 18 -10.50 -14.92 16.46
CA GLN B 18 -10.46 -13.74 17.31
C GLN B 18 -11.17 -14.04 18.63
N SER B 19 -10.53 -13.69 19.74
CA SER B 19 -11.10 -13.87 21.07
C SER B 19 -11.03 -12.57 21.84
N PRO B 20 -12.07 -12.24 22.62
CA PRO B 20 -13.31 -12.98 22.85
C PRO B 20 -14.31 -12.82 21.70
N GLY B 21 -15.50 -13.40 21.84
CA GLY B 21 -16.51 -13.37 20.81
C GLY B 21 -16.52 -14.59 19.91
N ASP B 22 -15.41 -15.34 19.86
CA ASP B 22 -15.29 -16.56 19.07
C ASP B 22 -15.56 -16.28 17.58
N ILE B 23 -14.73 -15.41 17.02
CA ILE B 23 -14.83 -15.01 15.62
C ILE B 23 -13.90 -15.90 14.81
N GLY B 24 -14.47 -16.85 14.07
CA GLY B 24 -13.71 -17.77 13.24
C GLY B 24 -13.90 -17.48 11.77
N GLN B 25 -12.91 -17.88 10.97
CA GLN B 25 -12.96 -17.68 9.53
C GLN B 25 -11.93 -18.58 8.88
N TYR B 26 -12.30 -19.18 7.74
CA TYR B 26 -11.42 -20.10 7.02
C TYR B 26 -11.69 -19.94 5.53
N THR B 27 -10.65 -19.59 4.78
CA THR B 27 -10.78 -19.27 3.36
C THR B 27 -9.83 -20.15 2.54
N PHE B 28 -9.85 -19.94 1.23
CA PHE B 28 -8.96 -20.65 0.31
C PHE B 28 -8.68 -19.73 -0.86
N GLU B 29 -7.43 -19.27 -0.98
CA GLU B 29 -7.05 -18.27 -1.96
C GLU B 29 -5.81 -18.71 -2.71
N PHE B 30 -5.74 -18.33 -3.99
CA PHE B 30 -4.60 -18.66 -4.83
C PHE B 30 -4.24 -17.46 -5.70
N ASP B 31 -3.00 -16.99 -5.56
CA ASP B 31 -2.43 -15.95 -6.43
C ASP B 31 -3.26 -14.67 -6.43
N GLY B 32 -3.90 -14.36 -5.30
CA GLY B 32 -4.63 -13.12 -5.17
C GLY B 32 -6.15 -13.27 -5.18
N ASP B 33 -6.66 -14.13 -6.07
CA ASP B 33 -8.09 -14.35 -6.18
C ASP B 33 -8.54 -15.41 -5.18
N GLU B 34 -9.68 -15.16 -4.54
CA GLU B 34 -10.25 -16.10 -3.58
C GLU B 34 -10.91 -17.23 -4.34
N LEU B 35 -10.38 -18.45 -4.17
CA LEU B 35 -11.01 -19.62 -4.77
C LEU B 35 -12.35 -19.91 -4.10
N PHE B 36 -12.33 -20.05 -2.77
CA PHE B 36 -13.54 -20.32 -2.00
C PHE B 36 -13.25 -20.08 -0.53
N TYR B 37 -14.23 -20.37 0.31
CA TYR B 37 -14.09 -20.33 1.75
C TYR B 37 -15.00 -21.37 2.35
N VAL B 38 -14.90 -21.53 3.67
CA VAL B 38 -15.70 -22.51 4.41
C VAL B 38 -16.57 -21.77 5.42
N ASP B 39 -17.87 -21.98 5.33
CA ASP B 39 -18.79 -21.36 6.28
C ASP B 39 -18.56 -21.92 7.67
N LEU B 40 -18.78 -21.05 8.68
CA LEU B 40 -18.46 -21.42 10.05
C LEU B 40 -19.51 -22.38 10.64
N ASP B 41 -20.73 -21.91 10.80
CA ASP B 41 -21.78 -22.71 11.43
C ASP B 41 -22.59 -23.54 10.45
N LYS B 42 -22.66 -23.14 9.18
CA LYS B 42 -23.45 -23.88 8.21
C LYS B 42 -22.78 -25.18 7.77
N LYS B 43 -21.48 -25.34 8.04
CA LYS B 43 -20.73 -26.55 7.71
C LYS B 43 -20.81 -26.86 6.22
N GLU B 44 -20.41 -25.89 5.41
CA GLU B 44 -20.46 -26.04 3.96
C GLU B 44 -19.38 -25.19 3.32
N THR B 45 -18.93 -25.63 2.15
CA THR B 45 -17.89 -24.95 1.39
C THR B 45 -18.55 -24.03 0.36
N VAL B 46 -18.31 -22.73 0.49
CA VAL B 46 -18.92 -21.72 -0.38
C VAL B 46 -17.86 -21.23 -1.35
N TRP B 47 -18.11 -21.43 -2.64
CA TRP B 47 -17.18 -21.03 -3.69
C TRP B 47 -17.48 -19.62 -4.17
N MET B 48 -16.43 -18.82 -4.34
CA MET B 48 -16.60 -17.46 -4.84
C MET B 48 -17.12 -17.47 -6.26
N LEU B 49 -16.60 -18.37 -7.10
CA LEU B 49 -17.08 -18.53 -8.47
C LEU B 49 -17.86 -19.83 -8.58
N PRO B 50 -19.08 -19.81 -9.12
CA PRO B 50 -19.88 -21.05 -9.18
C PRO B 50 -19.28 -22.11 -10.09
N GLU B 51 -18.62 -21.70 -11.18
CA GLU B 51 -18.00 -22.67 -12.07
C GLU B 51 -16.84 -23.39 -11.39
N PHE B 52 -16.16 -22.73 -10.46
CA PHE B 52 -15.08 -23.39 -9.73
C PHE B 52 -15.58 -24.59 -8.94
N GLY B 53 -16.83 -24.54 -8.46
CA GLY B 53 -17.38 -25.65 -7.72
C GLY B 53 -17.87 -26.82 -8.56
N GLN B 54 -17.81 -26.70 -9.88
CA GLN B 54 -18.23 -27.76 -10.78
C GLN B 54 -17.11 -28.75 -11.11
N LEU B 55 -15.90 -28.53 -10.57
CA LEU B 55 -14.77 -29.42 -10.86
C LEU B 55 -13.96 -29.83 -9.64
N ALA B 56 -14.05 -29.12 -8.52
CA ALA B 56 -13.30 -29.47 -7.32
C ALA B 56 -14.24 -29.48 -6.12
N SER B 57 -13.80 -30.15 -5.05
CA SER B 57 -14.61 -30.27 -3.85
C SER B 57 -13.68 -30.34 -2.64
N PHE B 58 -13.93 -29.47 -1.67
CA PHE B 58 -13.17 -29.44 -0.42
C PHE B 58 -14.07 -29.88 0.74
N ASP B 59 -13.50 -30.68 1.63
CA ASP B 59 -14.24 -31.20 2.77
C ASP B 59 -14.28 -30.14 3.88
N PRO B 60 -15.45 -29.58 4.18
CA PRO B 60 -15.53 -28.53 5.19
C PRO B 60 -15.32 -29.02 6.62
N GLN B 61 -15.39 -30.34 6.86
CA GLN B 61 -15.13 -30.85 8.19
C GLN B 61 -13.68 -30.60 8.61
N GLY B 62 -12.75 -30.76 7.66
CA GLY B 62 -11.39 -30.34 7.92
C GLY B 62 -11.28 -28.84 8.16
N GLY B 63 -12.19 -28.07 7.57
CA GLY B 63 -12.24 -26.65 7.85
C GLY B 63 -12.63 -26.37 9.29
N LEU B 64 -13.65 -27.09 9.79
CA LEU B 64 -14.07 -26.90 11.17
C LEU B 64 -13.04 -27.46 12.15
N GLN B 65 -12.33 -28.53 11.77
CA GLN B 65 -11.30 -29.07 12.64
C GLN B 65 -10.13 -28.10 12.78
N ASN B 66 -9.76 -27.42 11.69
CA ASN B 66 -8.63 -26.50 11.75
C ASN B 66 -9.01 -25.21 12.46
N ILE B 67 -10.25 -24.76 12.34
CA ILE B 67 -10.64 -23.56 13.06
C ILE B 67 -10.80 -23.85 14.54
N ALA B 68 -11.07 -25.11 14.89
CA ALA B 68 -11.14 -25.49 16.30
C ALA B 68 -9.74 -25.61 16.90
N VAL B 69 -8.78 -26.13 16.12
CA VAL B 69 -7.42 -26.22 16.62
C VAL B 69 -6.79 -24.84 16.70
N VAL B 70 -7.21 -23.91 15.84
CA VAL B 70 -6.75 -22.53 15.94
C VAL B 70 -7.34 -21.87 17.18
N LYS B 71 -8.60 -22.21 17.50
CA LYS B 71 -9.19 -21.73 18.74
C LYS B 71 -8.40 -22.21 19.95
N HIS B 72 -8.02 -23.49 19.96
CA HIS B 72 -7.23 -24.03 21.06
C HIS B 72 -5.86 -23.36 21.11
N ASN B 73 -5.27 -23.08 19.96
CA ASN B 73 -3.96 -22.43 19.92
C ASN B 73 -4.02 -21.03 20.51
N LEU B 74 -5.04 -20.25 20.13
CA LEU B 74 -5.19 -18.92 20.70
C LEU B 74 -5.55 -18.98 22.18
N GLY B 75 -6.31 -20.00 22.59
CA GLY B 75 -6.67 -20.13 23.98
C GLY B 75 -5.47 -20.36 24.89
N VAL B 76 -4.62 -21.31 24.50
CA VAL B 76 -3.44 -21.59 25.32
C VAL B 76 -2.43 -20.46 25.24
N LEU B 77 -2.41 -19.72 24.13
CA LEU B 77 -1.49 -18.60 24.01
C LEU B 77 -1.92 -17.43 24.89
N THR B 78 -3.21 -17.11 24.88
CA THR B 78 -3.71 -16.04 25.73
C THR B 78 -3.61 -16.41 27.21
N LYS B 79 -3.67 -17.70 27.52
CA LYS B 79 -3.50 -18.15 28.91
C LYS B 79 -2.03 -18.09 29.35
N ARG B 80 -1.11 -18.27 28.41
CA ARG B 80 0.31 -18.29 28.74
C ARG B 80 0.94 -16.90 28.67
N SER B 81 0.47 -16.05 27.76
CA SER B 81 1.00 -14.70 27.63
C SER B 81 0.63 -13.79 28.79
N ASN B 82 -0.37 -14.16 29.60
CA ASN B 82 -0.85 -13.34 30.71
C ASN B 82 -1.27 -11.96 30.24
N SER B 83 -0.52 -10.92 30.61
CA SER B 83 -0.88 -9.54 30.28
C SER B 83 0.00 -9.07 29.12
N THR B 84 -0.54 -9.17 27.91
CA THR B 84 0.12 -8.66 26.72
C THR B 84 -0.85 -7.77 25.94
N PRO B 85 -0.40 -6.63 25.43
CA PRO B 85 -1.30 -5.70 24.75
C PRO B 85 -1.49 -6.02 23.27
N ALA B 86 -2.61 -5.54 22.74
CA ALA B 86 -2.93 -5.64 21.32
C ALA B 86 -3.16 -4.25 20.77
N THR B 87 -2.70 -4.01 19.54
CA THR B 87 -2.77 -2.70 18.90
C THR B 87 -3.85 -2.68 17.84
N ASN B 88 -4.31 -1.48 17.51
CA ASN B 88 -5.32 -1.26 16.49
C ASN B 88 -4.78 -0.33 15.42
N GLU B 89 -5.23 -0.55 14.19
CA GLU B 89 -4.85 0.28 13.05
C GLU B 89 -6.09 0.73 12.30
N ALA B 90 -6.06 1.97 11.81
CA ALA B 90 -7.19 2.53 11.08
C ALA B 90 -7.11 2.13 9.61
N PRO B 91 -8.19 1.60 9.03
CA PRO B 91 -8.15 1.17 7.63
C PRO B 91 -8.26 2.34 6.67
N GLN B 92 -7.97 2.05 5.40
CA GLN B 92 -8.07 3.02 4.32
C GLN B 92 -8.93 2.44 3.22
N ALA B 93 -9.88 3.23 2.72
CA ALA B 93 -10.84 2.79 1.74
C ALA B 93 -10.57 3.41 0.38
N THR B 94 -11.15 2.81 -0.65
CA THR B 94 -11.03 3.30 -2.02
C THR B 94 -12.23 2.81 -2.82
N VAL B 95 -12.97 3.73 -3.42
CA VAL B 95 -14.18 3.41 -4.18
C VAL B 95 -13.86 3.54 -5.66
N PHE B 96 -14.29 2.54 -6.45
CA PHE B 96 -14.01 2.51 -7.87
C PHE B 96 -15.05 1.63 -8.55
N PRO B 97 -15.39 1.90 -9.81
CA PRO B 97 -16.33 1.04 -10.53
C PRO B 97 -15.64 -0.21 -11.08
N LYS B 98 -16.44 -1.26 -11.24
CA LYS B 98 -15.92 -2.52 -11.78
C LYS B 98 -15.67 -2.41 -13.28
N SER B 99 -16.67 -1.97 -14.02
CA SER B 99 -16.58 -1.77 -15.46
C SER B 99 -16.60 -0.27 -15.79
N PRO B 100 -16.22 0.10 -17.01
CA PRO B 100 -16.28 1.52 -17.39
C PRO B 100 -17.68 2.08 -17.21
N VAL B 101 -17.75 3.28 -16.63
CA VAL B 101 -19.03 3.88 -16.25
C VAL B 101 -19.75 4.35 -17.51
N LEU B 102 -20.97 3.84 -17.70
CA LEU B 102 -21.86 4.30 -18.77
C LEU B 102 -23.19 4.67 -18.14
N LEU B 103 -23.57 5.94 -18.28
CA LEU B 103 -24.79 6.43 -17.65
C LEU B 103 -26.01 5.72 -18.22
N GLY B 104 -26.81 5.10 -17.35
CA GLY B 104 -27.99 4.38 -17.73
C GLY B 104 -27.84 2.88 -17.78
N GLN B 105 -26.60 2.37 -17.79
CA GLN B 105 -26.36 0.94 -17.85
C GLN B 105 -25.99 0.40 -16.48
N PRO B 106 -26.55 -0.73 -16.06
CA PRO B 106 -26.22 -1.26 -14.73
C PRO B 106 -24.74 -1.59 -14.59
N ASN B 107 -24.16 -1.19 -13.46
CA ASN B 107 -22.75 -1.40 -13.18
C ASN B 107 -22.60 -1.85 -11.73
N THR B 108 -21.37 -2.14 -11.32
CA THR B 108 -21.07 -2.59 -9.97
C THR B 108 -20.01 -1.69 -9.37
N LEU B 109 -20.35 -1.04 -8.25
CA LEU B 109 -19.43 -0.18 -7.53
C LEU B 109 -18.73 -0.99 -6.45
N ILE B 110 -17.41 -0.89 -6.39
CA ILE B 110 -16.59 -1.68 -5.48
C ILE B 110 -15.95 -0.75 -4.45
N CYS B 111 -16.01 -1.14 -3.19
CA CYS B 111 -15.37 -0.42 -2.09
C CYS B 111 -14.29 -1.30 -1.50
N PHE B 112 -13.03 -0.93 -1.73
CA PHE B 112 -11.87 -1.69 -1.29
C PHE B 112 -11.29 -1.06 -0.03
N VAL B 113 -11.30 -1.80 1.06
CA VAL B 113 -10.81 -1.33 2.36
C VAL B 113 -9.57 -2.13 2.73
N ASP B 114 -8.43 -1.46 2.81
CA ASP B 114 -7.15 -2.09 3.12
C ASP B 114 -6.69 -1.70 4.51
N ASN B 115 -5.69 -2.44 5.01
CA ASN B 115 -5.09 -2.21 6.32
C ASN B 115 -6.12 -2.32 7.44
N ILE B 116 -6.90 -3.40 7.39
CA ILE B 116 -7.92 -3.66 8.40
C ILE B 116 -7.30 -4.50 9.51
N PHE B 117 -7.25 -3.93 10.72
CA PHE B 117 -6.77 -4.66 11.88
C PHE B 117 -7.31 -4.03 13.15
N PRO B 118 -8.08 -4.78 13.96
CA PRO B 118 -8.47 -6.18 13.78
C PRO B 118 -9.56 -6.36 12.72
N PRO B 119 -9.69 -7.56 12.15
CA PRO B 119 -10.70 -7.76 11.09
C PRO B 119 -12.13 -7.78 11.61
N VAL B 120 -12.56 -6.66 12.18
CA VAL B 120 -13.95 -6.47 12.62
C VAL B 120 -14.36 -5.09 12.10
N ILE B 121 -15.16 -5.07 11.05
CA ILE B 121 -15.45 -3.83 10.34
C ILE B 121 -16.85 -3.91 9.73
N ASN B 122 -17.58 -2.80 9.79
CA ASN B 122 -18.88 -2.66 9.15
C ASN B 122 -18.70 -1.84 7.88
N ILE B 123 -18.92 -2.45 6.73
CA ILE B 123 -18.81 -1.79 5.44
C ILE B 123 -20.21 -1.64 4.88
N THR B 124 -20.72 -0.41 4.85
CA THR B 124 -22.06 -0.12 4.38
C THR B 124 -22.01 0.82 3.19
N TRP B 125 -23.13 0.92 2.49
CA TRP B 125 -23.28 1.80 1.33
C TRP B 125 -24.39 2.81 1.58
N LEU B 126 -24.25 4.00 1.02
CA LEU B 126 -25.25 5.04 1.11
C LEU B 126 -25.51 5.62 -0.27
N ARG B 127 -26.77 5.70 -0.64
CA ARG B 127 -27.21 6.27 -1.93
C ARG B 127 -27.88 7.61 -1.65
N ASN B 128 -27.20 8.70 -2.02
CA ASN B 128 -27.66 10.05 -1.73
C ASN B 128 -27.89 10.25 -0.23
N SER B 129 -26.91 9.82 0.56
CA SER B 129 -26.93 9.89 2.02
C SER B 129 -28.08 9.08 2.62
N LYS B 130 -28.65 8.16 1.87
CA LYS B 130 -29.73 7.31 2.33
C LYS B 130 -29.24 5.87 2.45
N SER B 131 -29.80 5.14 3.42
CA SER B 131 -29.42 3.75 3.62
C SER B 131 -29.95 2.90 2.47
N VAL B 132 -29.07 2.13 1.83
CA VAL B 132 -29.45 1.26 0.73
C VAL B 132 -28.80 -0.10 0.92
N ALA B 133 -29.52 -1.14 0.52
CA ALA B 133 -29.01 -2.51 0.63
C ALA B 133 -29.62 -3.42 -0.44
N ASP B 134 -29.42 -3.09 -1.70
CA ASP B 134 -29.95 -3.86 -2.82
C ASP B 134 -28.80 -4.59 -3.50
N GLY B 135 -28.66 -5.88 -3.20
CA GLY B 135 -27.60 -6.69 -3.77
C GLY B 135 -26.21 -6.27 -3.31
N VAL B 136 -26.02 -6.17 -2.00
CA VAL B 136 -24.73 -5.79 -1.44
C VAL B 136 -23.93 -7.05 -1.18
N TYR B 137 -22.87 -7.24 -1.97
CA TYR B 137 -21.96 -8.37 -1.79
C TYR B 137 -20.77 -7.96 -0.96
N GLU B 138 -20.22 -8.92 -0.22
CA GLU B 138 -19.00 -8.70 0.55
C GLU B 138 -18.14 -9.94 0.47
N THR B 139 -16.92 -9.79 -0.04
CA THR B 139 -15.98 -10.89 -0.07
C THR B 139 -15.40 -11.14 1.31
N SER B 140 -14.63 -12.22 1.43
CA SER B 140 -13.97 -12.51 2.69
C SER B 140 -12.74 -11.62 2.85
N PHE B 141 -12.16 -11.65 4.05
CA PHE B 141 -11.02 -10.79 4.37
C PHE B 141 -9.75 -11.41 3.81
N PHE B 142 -9.27 -10.87 2.69
CA PHE B 142 -7.97 -11.26 2.18
C PHE B 142 -6.87 -10.79 3.14
N VAL B 143 -5.72 -11.43 3.05
CA VAL B 143 -4.61 -11.20 3.97
C VAL B 143 -3.48 -10.50 3.23
N ASN B 144 -2.86 -9.53 3.90
CA ASN B 144 -1.67 -8.84 3.40
C ASN B 144 -0.43 -9.33 4.14
N ARG B 145 0.74 -9.03 3.56
CA ARG B 145 1.99 -9.38 4.22
C ARG B 145 2.25 -8.57 5.48
N ASP B 146 1.62 -7.41 5.61
CA ASP B 146 1.67 -6.62 6.84
C ASP B 146 0.82 -7.24 7.96
N TYR B 147 0.31 -8.45 7.77
CA TYR B 147 -0.61 -9.14 8.67
C TYR B 147 -1.91 -8.36 8.87
N SER B 148 -2.11 -7.28 8.11
CA SER B 148 -3.40 -6.64 8.03
C SER B 148 -4.27 -7.37 7.01
N PHE B 149 -5.50 -6.88 6.81
CA PHE B 149 -6.45 -7.55 5.93
C PHE B 149 -7.13 -6.52 5.04
N HIS B 150 -7.55 -6.97 3.86
CA HIS B 150 -8.25 -6.11 2.91
C HIS B 150 -9.47 -6.84 2.37
N LYS B 151 -10.62 -6.16 2.43
CA LYS B 151 -11.89 -6.69 1.97
C LYS B 151 -12.46 -5.81 0.88
N LEU B 152 -13.38 -6.38 0.10
CA LEU B 152 -14.03 -5.66 -0.98
C LEU B 152 -15.54 -5.88 -0.91
N SER B 153 -16.29 -4.81 -1.11
CA SER B 153 -17.75 -4.85 -1.13
C SER B 153 -18.25 -4.46 -2.52
N TYR B 154 -19.43 -4.97 -2.88
CA TYR B 154 -20.00 -4.75 -4.20
C TYR B 154 -21.41 -4.20 -4.07
N LEU B 155 -21.73 -3.24 -4.95
CA LEU B 155 -23.08 -2.68 -5.06
C LEU B 155 -23.43 -2.59 -6.54
N THR B 156 -24.47 -3.32 -6.94
CA THR B 156 -25.00 -3.22 -8.29
C THR B 156 -25.98 -2.04 -8.33
N PHE B 157 -25.65 -1.01 -9.10
CA PHE B 157 -26.39 0.24 -9.09
C PHE B 157 -26.60 0.72 -10.53
N ILE B 158 -27.34 1.82 -10.66
CA ILE B 158 -27.57 2.47 -11.95
C ILE B 158 -26.99 3.87 -11.89
N PRO B 159 -25.93 4.17 -12.64
CA PRO B 159 -25.33 5.51 -12.60
C PRO B 159 -26.26 6.54 -13.22
N SER B 160 -26.66 7.53 -12.43
CA SER B 160 -27.51 8.61 -12.89
C SER B 160 -26.98 9.92 -12.32
N ASP B 161 -27.41 11.02 -12.94
CA ASP B 161 -26.92 12.34 -12.56
C ASP B 161 -27.47 12.78 -11.20
N ASP B 162 -28.65 12.30 -10.84
CA ASP B 162 -29.28 12.67 -9.58
C ASP B 162 -28.92 11.74 -8.43
N ASP B 163 -27.91 10.89 -8.60
CA ASP B 163 -27.51 9.93 -7.57
C ASP B 163 -26.03 10.09 -7.27
N ILE B 164 -25.71 10.21 -5.99
CA ILE B 164 -24.33 10.27 -5.51
C ILE B 164 -24.14 9.17 -4.47
N TYR B 165 -23.11 8.36 -4.65
CA TYR B 165 -22.89 7.17 -3.83
C TYR B 165 -21.66 7.34 -2.97
N ASP B 166 -21.76 6.87 -1.72
CA ASP B 166 -20.64 6.91 -0.78
C ASP B 166 -20.55 5.59 -0.04
N CYS B 167 -19.33 5.23 0.34
CA CYS B 167 -19.04 4.00 1.08
C CYS B 167 -18.68 4.38 2.50
N LYS B 168 -19.42 3.85 3.47
CA LYS B 168 -19.22 4.13 4.88
C LYS B 168 -18.50 2.96 5.55
N VAL B 169 -17.51 3.28 6.37
CA VAL B 169 -16.67 2.29 7.05
C VAL B 169 -16.71 2.58 8.55
N GLU B 170 -17.09 1.57 9.34
CA GLU B 170 -17.11 1.67 10.79
C GLU B 170 -16.16 0.63 11.36
N HIS B 171 -15.14 1.09 12.09
CA HIS B 171 -14.09 0.22 12.57
C HIS B 171 -13.79 0.53 14.03
N TRP B 172 -13.22 -0.44 14.73
CA TRP B 172 -12.82 -0.25 16.12
C TRP B 172 -11.67 0.74 16.24
N GLY B 173 -10.80 0.80 15.23
CA GLY B 173 -9.66 1.69 15.26
C GLY B 173 -9.92 3.03 14.60
N LEU B 174 -11.18 3.39 14.44
CA LEU B 174 -11.58 4.66 13.87
C LEU B 174 -12.40 5.43 14.91
N GLU B 175 -11.94 6.64 15.23
CA GLU B 175 -12.65 7.46 16.22
C GLU B 175 -14.05 7.83 15.74
N GLU B 176 -14.23 7.95 14.43
CA GLU B 176 -15.56 8.14 13.85
C GLU B 176 -15.63 7.33 12.56
N PRO B 177 -16.81 6.83 12.20
CA PRO B 177 -16.96 6.12 10.92
C PRO B 177 -16.78 7.08 9.75
N VAL B 178 -15.88 6.72 8.84
CA VAL B 178 -15.50 7.58 7.72
C VAL B 178 -16.29 7.18 6.48
N LEU B 179 -16.63 8.18 5.66
CA LEU B 179 -17.42 7.98 4.46
C LEU B 179 -16.67 8.55 3.26
N LYS B 180 -16.44 7.73 2.25
CA LYS B 180 -15.80 8.17 1.01
C LYS B 180 -16.89 8.42 -0.03
N HIS B 181 -17.07 9.68 -0.41
CA HIS B 181 -18.10 10.04 -1.36
C HIS B 181 -17.59 9.84 -2.79
N TRP B 182 -18.53 9.72 -3.73
CA TRP B 182 -18.17 9.52 -5.12
C TRP B 182 -19.33 9.92 -6.02
N GLU B 183 -19.04 10.69 -7.06
CA GLU B 183 -20.02 11.06 -8.07
C GLU B 183 -19.36 11.07 -9.45
N PRO B 184 -19.79 10.21 -10.38
CA PRO B 184 -19.16 10.18 -11.70
C PRO B 184 -19.50 11.42 -12.50
N GLU B 185 -18.53 11.86 -13.30
CA GLU B 185 -18.66 13.07 -14.13
C GLU B 185 -18.91 14.31 -13.29
N GLY C 1 -13.49 -42.53 -14.29
CA GLY C 1 -14.47 -41.46 -14.14
C GLY C 1 -13.88 -40.21 -13.53
N PRO C 2 -14.26 -39.04 -14.06
CA PRO C 2 -13.75 -37.79 -13.52
C PRO C 2 -14.22 -37.57 -12.08
N VAL C 3 -13.30 -37.12 -11.23
CA VAL C 3 -13.58 -36.87 -9.83
C VAL C 3 -13.10 -35.47 -9.48
N SER C 4 -13.63 -34.95 -8.37
CA SER C 4 -13.26 -33.62 -7.89
C SER C 4 -12.17 -33.74 -6.82
N LYS C 5 -10.97 -34.05 -7.31
CA LYS C 5 -9.82 -34.24 -6.42
C LYS C 5 -9.34 -32.88 -5.90
N MET C 6 -9.22 -32.78 -4.57
CA MET C 6 -8.76 -31.55 -3.94
C MET C 6 -8.26 -31.90 -2.54
N ARG C 7 -6.94 -31.83 -2.35
CA ARG C 7 -6.36 -32.14 -1.05
C ARG C 7 -6.59 -31.01 -0.06
N MET C 8 -6.89 -31.38 1.18
CA MET C 8 -7.21 -30.40 2.21
C MET C 8 -5.94 -29.80 2.81
N ALA C 9 -6.12 -28.70 3.53
CA ALA C 9 -5.03 -28.08 4.27
C ALA C 9 -4.96 -28.71 5.66
N THR C 10 -3.74 -28.98 6.10
CA THR C 10 -3.52 -29.69 7.36
C THR C 10 -2.87 -28.77 8.38
N PRO C 11 -3.54 -28.42 9.47
CA PRO C 11 -2.91 -27.60 10.52
C PRO C 11 -2.12 -28.44 11.50
N LEU C 12 -1.65 -27.82 12.58
CA LEU C 12 -0.95 -28.54 13.64
C LEU C 12 -1.39 -27.97 14.99
N LEU C 13 -0.95 -28.64 16.05
CA LEU C 13 -1.39 -28.33 17.40
C LEU C 13 -0.20 -28.34 18.35
N MET C 14 -0.14 -27.35 19.23
CA MET C 14 0.86 -27.29 20.28
C MET C 14 0.22 -27.62 21.63
N GLN C 15 1.06 -27.87 22.62
CA GLN C 15 0.59 -28.21 23.96
C GLN C 15 0.52 -26.96 24.84
N ALA C 16 1.64 -26.28 25.04
CA ALA C 16 1.72 -25.09 25.88
C ALA C 16 1.22 -25.36 27.29
N SER D 3 -12.51 -1.73 24.24
CA SER D 3 -12.97 -2.11 25.56
C SER D 3 -11.88 -2.85 26.34
N GLU D 4 -12.10 -4.15 26.58
CA GLU D 4 -11.15 -4.95 27.34
C GLU D 4 -10.18 -5.63 26.36
N ARG D 5 -9.52 -6.70 26.80
CA ARG D 5 -8.45 -7.30 26.02
C ARG D 5 -9.01 -8.08 24.84
N HIS D 6 -8.63 -7.67 23.63
CA HIS D 6 -8.95 -8.39 22.40
C HIS D 6 -7.68 -9.00 21.82
N PHE D 7 -7.82 -10.16 21.19
CA PHE D 7 -6.68 -10.88 20.64
C PHE D 7 -7.08 -11.52 19.32
N VAL D 8 -6.11 -11.63 18.41
CA VAL D 8 -6.31 -12.18 17.08
C VAL D 8 -5.24 -13.23 16.81
N TYR D 9 -5.66 -14.37 16.26
CA TYR D 9 -4.76 -15.46 15.92
C TYR D 9 -4.92 -15.80 14.44
N GLN D 10 -3.83 -16.27 13.84
CA GLN D 10 -3.81 -16.61 12.42
C GLN D 10 -2.88 -17.78 12.18
N PHE D 11 -3.29 -18.66 11.26
CA PHE D 11 -2.47 -19.79 10.83
C PHE D 11 -2.61 -19.94 9.32
N MET D 12 -1.50 -20.26 8.65
CA MET D 12 -1.50 -20.38 7.20
C MET D 12 -0.34 -21.26 6.77
N GLY D 13 -0.45 -21.80 5.55
CA GLY D 13 0.57 -22.63 4.97
C GLY D 13 0.69 -22.42 3.47
N GLU D 14 1.77 -21.79 3.03
CA GLU D 14 1.92 -21.36 1.66
C GLU D 14 2.76 -22.35 0.86
N CYS D 15 2.31 -22.62 -0.37
CA CYS D 15 3.05 -23.47 -1.32
C CYS D 15 3.60 -22.57 -2.41
N TYR D 16 4.93 -22.41 -2.43
CA TYR D 16 5.59 -21.61 -3.46
C TYR D 16 6.01 -22.51 -4.61
N PHE D 17 5.52 -22.21 -5.80
CA PHE D 17 5.83 -22.97 -7.02
C PHE D 17 6.71 -22.11 -7.90
N THR D 18 8.03 -22.23 -7.72
CA THR D 18 8.95 -21.52 -8.59
C THR D 18 8.87 -22.02 -10.03
N ASN D 19 8.60 -23.31 -10.21
CA ASN D 19 8.42 -23.89 -11.54
C ASN D 19 7.08 -24.62 -11.51
N GLY D 20 6.86 -25.50 -12.48
CA GLY D 20 5.64 -26.30 -12.51
C GLY D 20 5.69 -27.43 -11.49
N THR D 21 6.45 -28.48 -11.80
CA THR D 21 6.58 -29.62 -10.92
C THR D 21 8.03 -29.91 -10.53
N GLN D 22 8.96 -29.02 -10.88
CA GLN D 22 10.37 -29.26 -10.60
C GLN D 22 10.72 -28.89 -9.15
N ARG D 23 10.50 -27.63 -8.78
CA ARG D 23 10.85 -27.13 -7.46
C ARG D 23 9.58 -26.65 -6.76
N ILE D 24 9.31 -27.22 -5.59
CA ILE D 24 8.19 -26.80 -4.74
C ILE D 24 8.75 -26.41 -3.38
N ARG D 25 8.11 -25.42 -2.76
CA ARG D 25 8.51 -24.93 -1.45
C ARG D 25 7.28 -24.80 -0.56
N TYR D 26 7.44 -25.15 0.71
CA TYR D 26 6.33 -25.20 1.66
C TYR D 26 6.73 -24.46 2.93
N VAL D 27 5.91 -23.49 3.34
CA VAL D 27 6.18 -22.66 4.51
C VAL D 27 4.88 -22.52 5.31
N THR D 28 4.91 -22.94 6.57
CA THR D 28 3.80 -22.77 7.49
C THR D 28 4.11 -21.65 8.46
N ARG D 29 3.12 -20.78 8.72
CA ARG D 29 3.31 -19.62 9.56
C ARG D 29 2.21 -19.56 10.62
N TYR D 30 2.62 -19.27 11.85
CA TYR D 30 1.71 -19.05 12.96
C TYR D 30 1.83 -17.59 13.41
N ILE D 31 0.70 -16.91 13.52
CA ILE D 31 0.67 -15.48 13.81
C ILE D 31 -0.21 -15.23 15.02
N TYR D 32 0.31 -14.47 15.99
CA TYR D 32 -0.45 -14.05 17.16
C TYR D 32 -0.35 -12.54 17.29
N ASN D 33 -1.49 -11.86 17.20
CA ASN D 33 -1.56 -10.40 17.33
C ASN D 33 -0.64 -9.73 16.31
N ARG D 34 -0.79 -10.11 15.04
CA ARG D 34 0.01 -9.58 13.93
C ARG D 34 1.50 -9.81 14.15
N GLU D 35 1.85 -10.85 14.90
CA GLU D 35 3.24 -11.20 15.17
C GLU D 35 3.43 -12.68 14.93
N GLU D 36 4.37 -13.02 14.05
CA GLU D 36 4.68 -14.42 13.77
C GLU D 36 5.61 -14.96 14.85
N TYR D 37 5.29 -16.15 15.37
CA TYR D 37 6.07 -16.76 16.44
C TYR D 37 6.53 -18.18 16.17
N VAL D 38 5.92 -18.89 15.21
CA VAL D 38 6.37 -20.22 14.82
C VAL D 38 6.38 -20.29 13.29
N ARG D 39 7.46 -20.81 12.72
CA ARG D 39 7.62 -20.87 11.28
C ARG D 39 8.30 -22.19 10.89
N TYR D 40 7.72 -22.87 9.92
CA TYR D 40 8.30 -24.07 9.34
C TYR D 40 8.63 -23.81 7.87
N ASP D 41 9.80 -24.27 7.44
CA ASP D 41 10.24 -24.11 6.07
C ASP D 41 10.62 -25.47 5.51
N SER D 42 10.27 -25.70 4.23
CA SER D 42 10.63 -26.97 3.59
C SER D 42 12.13 -27.07 3.39
N ASP D 43 12.83 -25.94 3.27
CA ASP D 43 14.29 -25.99 3.16
C ASP D 43 14.94 -26.33 4.49
N VAL D 44 14.32 -25.93 5.60
CA VAL D 44 14.84 -26.26 6.92
C VAL D 44 14.56 -27.72 7.26
N GLY D 45 13.29 -28.12 7.19
CA GLY D 45 12.90 -29.47 7.51
C GLY D 45 12.31 -29.67 8.89
N GLU D 46 12.21 -28.60 9.69
CA GLU D 46 11.66 -28.69 11.03
C GLU D 46 11.12 -27.33 11.44
N HIS D 47 10.27 -27.34 12.47
CA HIS D 47 9.65 -26.11 12.96
C HIS D 47 10.66 -25.33 13.79
N ARG D 48 10.97 -24.12 13.35
CA ARG D 48 11.88 -23.23 14.06
C ARG D 48 11.10 -22.08 14.68
N ALA D 49 11.63 -21.56 15.79
CA ALA D 49 11.00 -20.47 16.52
C ALA D 49 11.57 -19.15 16.01
N VAL D 50 10.75 -18.40 15.27
CA VAL D 50 11.20 -17.08 14.80
C VAL D 50 11.29 -16.10 15.97
N THR D 51 10.49 -16.32 17.01
CA THR D 51 10.59 -15.56 18.24
C THR D 51 10.76 -16.52 19.41
N GLU D 52 11.24 -15.99 20.54
CA GLU D 52 11.45 -16.82 21.72
C GLU D 52 10.13 -17.36 22.27
N LEU D 53 9.03 -16.63 22.03
CA LEU D 53 7.72 -17.10 22.48
C LEU D 53 7.36 -18.44 21.87
N GLY D 54 7.84 -18.73 20.66
CA GLY D 54 7.52 -19.97 19.99
C GLY D 54 8.56 -21.06 20.18
N ARG D 55 9.42 -20.92 21.19
CA ARG D 55 10.41 -21.97 21.43
C ARG D 55 9.78 -23.28 21.92
N PRO D 56 8.94 -23.29 22.96
CA PRO D 56 8.40 -24.59 23.41
C PRO D 56 7.46 -25.23 22.42
N ASP D 57 6.62 -24.42 21.76
CA ASP D 57 5.66 -24.94 20.78
C ASP D 57 6.39 -25.67 19.65
N ALA D 58 7.38 -25.00 19.05
CA ALA D 58 8.14 -25.63 17.98
C ALA D 58 8.87 -26.87 18.47
N GLU D 59 9.34 -26.85 19.73
CA GLU D 59 9.99 -28.02 20.30
C GLU D 59 9.03 -29.20 20.39
N TYR D 60 7.75 -28.92 20.66
CA TYR D 60 6.76 -29.99 20.69
C TYR D 60 6.57 -30.61 19.31
N TRP D 61 6.71 -29.82 18.25
CA TRP D 61 6.67 -30.34 16.89
C TRP D 61 8.00 -30.92 16.43
N ASN D 62 9.06 -30.75 17.23
CA ASN D 62 10.36 -31.34 16.93
C ASN D 62 10.64 -32.61 17.72
N SER D 63 9.81 -32.92 18.72
CA SER D 63 9.94 -34.15 19.48
C SER D 63 8.97 -35.23 19.03
N GLN D 64 8.15 -34.96 18.02
CA GLN D 64 7.21 -35.94 17.49
C GLN D 64 7.63 -36.33 16.08
N PRO D 65 8.11 -37.57 15.87
CA PRO D 65 8.57 -37.93 14.51
C PRO D 65 7.44 -38.08 13.52
N GLU D 66 6.28 -38.57 13.96
CA GLU D 66 5.16 -38.74 13.03
C GLU D 66 4.61 -37.41 12.56
N ILE D 67 4.59 -36.41 13.44
CA ILE D 67 4.12 -35.08 13.05
C ILE D 67 5.09 -34.45 12.05
N LEU D 68 6.39 -34.60 12.30
CA LEU D 68 7.38 -34.03 11.41
C LEU D 68 7.36 -34.69 10.03
N GLU D 69 7.22 -36.02 9.99
CA GLU D 69 7.15 -36.72 8.72
C GLU D 69 5.87 -36.37 7.97
N ARG D 70 4.76 -36.18 8.69
CA ARG D 70 3.54 -35.74 8.05
C ARG D 70 3.70 -34.36 7.43
N THR D 71 4.32 -33.43 8.16
CA THR D 71 4.53 -32.08 7.63
C THR D 71 5.48 -32.10 6.43
N ARG D 72 6.50 -32.95 6.47
CA ARG D 72 7.40 -33.07 5.33
C ARG D 72 6.70 -33.68 4.13
N ALA D 73 5.80 -34.64 4.37
CA ALA D 73 5.05 -35.24 3.28
C ALA D 73 3.97 -34.31 2.74
N GLU D 74 3.59 -33.28 3.51
CA GLU D 74 2.62 -32.30 3.03
C GLU D 74 3.16 -31.50 1.84
N LEU D 75 4.47 -31.52 1.62
CA LEU D 75 5.03 -30.87 0.44
C LEU D 75 4.55 -31.55 -0.85
N ASP D 76 4.29 -32.85 -0.80
CA ASP D 76 3.80 -33.59 -1.96
C ASP D 76 2.31 -33.91 -1.89
N THR D 77 1.75 -34.07 -0.69
CA THR D 77 0.35 -34.43 -0.55
C THR D 77 -0.58 -33.23 -0.52
N VAL D 78 -0.08 -32.04 -0.18
CA VAL D 78 -0.90 -30.84 -0.11
C VAL D 78 -0.52 -29.85 -1.21
N CYS D 79 0.78 -29.64 -1.44
CA CYS D 79 1.21 -28.68 -2.45
C CYS D 79 1.20 -29.30 -3.85
N ARG D 80 1.98 -30.37 -4.05
CA ARG D 80 2.11 -30.94 -5.38
C ARG D 80 0.82 -31.62 -5.83
N HIS D 81 0.12 -32.28 -4.91
CA HIS D 81 -1.13 -32.95 -5.27
C HIS D 81 -2.19 -31.95 -5.71
N ASN D 82 -2.29 -30.82 -5.02
CA ASN D 82 -3.24 -29.79 -5.42
C ASN D 82 -2.81 -29.09 -6.70
N TYR D 83 -1.50 -28.99 -6.94
CA TYR D 83 -1.01 -28.29 -8.12
C TYR D 83 -1.29 -29.10 -9.39
N GLU D 84 -0.99 -30.39 -9.37
CA GLU D 84 -1.15 -31.23 -10.55
C GLU D 84 -2.59 -31.66 -10.79
N GLY D 85 -3.50 -31.41 -9.84
CA GLY D 85 -4.86 -31.85 -9.97
C GLY D 85 -5.85 -30.70 -10.09
N PRO D 86 -6.36 -30.23 -8.95
CA PRO D 86 -7.39 -29.18 -8.98
C PRO D 86 -6.90 -27.84 -9.51
N GLU D 87 -5.73 -27.38 -9.05
CA GLU D 87 -5.25 -26.06 -9.44
C GLU D 87 -4.97 -25.98 -10.94
N THR D 88 -4.48 -27.07 -11.53
CA THR D 88 -4.26 -27.09 -12.97
C THR D 88 -5.59 -27.11 -13.73
N HIS D 89 -6.64 -27.64 -13.11
CA HIS D 89 -7.94 -27.80 -13.76
C HIS D 89 -8.90 -26.67 -13.46
N THR D 90 -8.57 -25.76 -12.53
CA THR D 90 -9.46 -24.67 -12.17
C THR D 90 -8.84 -23.28 -12.37
N SER D 91 -7.52 -23.17 -12.48
CA SER D 91 -6.86 -21.89 -12.69
C SER D 91 -6.39 -21.73 -14.14
N LEU D 92 -5.77 -22.76 -14.71
CA LEU D 92 -5.37 -22.71 -16.11
C LEU D 92 -6.59 -22.73 -17.03
N ARG D 93 -7.65 -23.41 -16.64
CA ARG D 93 -8.84 -23.51 -17.48
C ARG D 93 -9.65 -22.21 -17.49
N ARG D 94 -9.51 -21.37 -16.47
CA ARG D 94 -10.26 -20.12 -16.40
C ARG D 94 -9.68 -19.12 -17.40
N LEU D 95 -10.46 -18.79 -18.44
CA LEU D 95 -10.04 -17.90 -19.49
C LEU D 95 -10.68 -16.52 -19.33
N GLU D 96 -10.06 -15.53 -19.96
CA GLU D 96 -10.47 -14.14 -19.82
C GLU D 96 -10.23 -13.41 -21.13
N GLN D 97 -10.82 -12.22 -21.23
CA GLN D 97 -10.63 -11.32 -22.37
C GLN D 97 -10.70 -9.87 -21.88
N PRO D 98 -9.63 -9.09 -22.06
CA PRO D 98 -9.65 -7.71 -21.57
C PRO D 98 -10.61 -6.84 -22.38
N ASN D 99 -11.31 -5.96 -21.66
CA ASN D 99 -12.20 -4.97 -22.27
C ASN D 99 -11.49 -3.62 -22.30
N VAL D 100 -11.18 -3.14 -23.51
CA VAL D 100 -10.40 -1.92 -23.69
C VAL D 100 -11.34 -0.84 -24.23
N VAL D 101 -11.49 0.24 -23.48
CA VAL D 101 -12.29 1.39 -23.90
C VAL D 101 -11.42 2.64 -23.81
N ILE D 102 -11.98 3.75 -24.31
CA ILE D 102 -11.26 5.03 -24.38
C ILE D 102 -12.16 6.12 -23.83
N SER D 103 -11.59 6.98 -22.98
CA SER D 103 -12.33 8.06 -22.34
C SER D 103 -11.54 9.35 -22.43
N LEU D 104 -12.21 10.47 -22.14
CA LEU D 104 -11.62 11.79 -22.22
C LEU D 104 -12.15 12.64 -21.07
N SER D 105 -11.23 13.17 -20.25
CA SER D 105 -11.63 14.03 -19.15
C SER D 105 -12.25 15.32 -19.66
N ARG D 106 -11.51 16.08 -20.46
CA ARG D 106 -11.96 17.36 -21.00
C ARG D 106 -11.75 17.37 -22.50
N THR D 107 -12.59 18.14 -23.20
CA THR D 107 -12.52 18.18 -24.65
C THR D 107 -12.37 19.61 -25.18
N GLU D 108 -13.44 20.39 -25.13
CA GLU D 108 -13.44 21.76 -25.68
C GLU D 108 -13.05 21.68 -27.16
N ALA D 109 -12.17 22.58 -27.61
CA ALA D 109 -11.70 22.53 -28.99
C ALA D 109 -10.68 21.43 -29.20
N LEU D 110 -10.13 20.86 -28.12
CA LEU D 110 -9.19 19.74 -28.14
C LEU D 110 -7.83 20.13 -28.73
N ASN D 111 -7.75 21.29 -29.36
CA ASN D 111 -6.45 21.77 -29.84
C ASN D 111 -5.54 22.18 -28.70
N HIS D 112 -6.10 22.45 -27.52
CA HIS D 112 -5.31 22.82 -26.35
C HIS D 112 -4.76 21.56 -25.69
N HIS D 113 -4.23 21.71 -24.49
CA HIS D 113 -3.73 20.56 -23.75
C HIS D 113 -4.88 19.63 -23.37
N ASN D 114 -4.59 18.33 -23.35
CA ASN D 114 -5.62 17.31 -23.13
C ASN D 114 -4.94 16.08 -22.57
N THR D 115 -5.74 15.21 -21.95
CA THR D 115 -5.24 13.96 -21.37
C THR D 115 -6.18 12.83 -21.77
N LEU D 116 -5.71 11.95 -22.64
CA LEU D 116 -6.52 10.82 -23.10
C LEU D 116 -6.37 9.64 -22.14
N VAL D 117 -7.46 8.89 -21.97
CA VAL D 117 -7.53 7.81 -21.00
C VAL D 117 -7.88 6.51 -21.73
N CYS D 118 -7.17 5.44 -21.39
CA CYS D 118 -7.43 4.10 -21.90
C CYS D 118 -7.73 3.19 -20.72
N SER D 119 -8.96 2.66 -20.67
CA SER D 119 -9.42 1.83 -19.57
C SER D 119 -9.45 0.38 -20.04
N VAL D 120 -8.57 -0.44 -19.48
CA VAL D 120 -8.54 -1.88 -19.73
C VAL D 120 -9.08 -2.56 -18.48
N THR D 121 -10.31 -3.08 -18.58
CA THR D 121 -11.02 -3.64 -17.44
C THR D 121 -11.38 -5.10 -17.70
N ASP D 122 -11.69 -5.80 -16.59
CA ASP D 122 -12.20 -7.17 -16.62
C ASP D 122 -11.26 -8.11 -17.36
N PHE D 123 -10.09 -8.31 -16.74
CA PHE D 123 -9.10 -9.24 -17.27
C PHE D 123 -8.43 -9.94 -16.10
N TYR D 124 -8.06 -11.20 -16.32
CA TYR D 124 -7.27 -11.96 -15.36
C TYR D 124 -5.82 -11.49 -15.39
N PRO D 125 -5.21 -11.27 -14.23
CA PRO D 125 -3.89 -10.65 -14.19
C PRO D 125 -2.82 -11.50 -14.86
N ALA D 126 -2.02 -10.85 -15.70
CA ALA D 126 -0.93 -11.51 -16.40
C ALA D 126 0.03 -10.43 -16.89
N LYS D 127 1.06 -10.85 -17.62
CA LYS D 127 2.05 -9.91 -18.16
C LYS D 127 1.43 -9.15 -19.32
N ILE D 128 1.12 -7.87 -19.09
CA ILE D 128 0.49 -7.02 -20.08
C ILE D 128 1.43 -5.88 -20.44
N LYS D 129 1.50 -5.57 -21.73
CA LYS D 129 2.29 -4.46 -22.25
C LYS D 129 1.35 -3.47 -22.89
N VAL D 130 1.09 -2.36 -22.20
CA VAL D 130 0.18 -1.32 -22.67
C VAL D 130 1.03 -0.15 -23.16
N ARG D 131 0.76 0.31 -24.37
CA ARG D 131 1.53 1.39 -24.97
C ARG D 131 0.61 2.35 -25.71
N TRP D 132 0.94 3.64 -25.62
CA TRP D 132 0.21 4.68 -26.33
C TRP D 132 0.86 4.94 -27.69
N PHE D 133 0.03 5.09 -28.71
CA PHE D 133 0.50 5.35 -30.07
C PHE D 133 -0.25 6.55 -30.65
N ARG D 134 0.51 7.51 -31.18
CA ARG D 134 -0.03 8.67 -31.87
C ARG D 134 0.32 8.53 -33.35
N ASN D 135 -0.71 8.32 -34.18
CA ASN D 135 -0.55 8.12 -35.63
C ASN D 135 0.36 6.95 -35.96
N GLY D 136 0.54 6.01 -35.03
CA GLY D 136 1.36 4.84 -35.24
C GLY D 136 2.68 4.84 -34.50
N GLN D 137 3.10 5.98 -33.94
CA GLN D 137 4.36 6.08 -33.23
C GLN D 137 4.11 6.03 -31.72
N GLU D 138 4.91 5.23 -31.03
CA GLU D 138 4.75 5.07 -29.59
C GLU D 138 5.23 6.32 -28.86
N GLU D 139 4.49 6.72 -27.82
CA GLU D 139 4.86 7.83 -26.96
C GLU D 139 5.11 7.33 -25.56
N THR D 140 6.08 7.94 -24.88
CA THR D 140 6.43 7.56 -23.52
C THR D 140 6.38 8.76 -22.59
N VAL D 141 6.57 9.96 -23.14
CA VAL D 141 6.52 11.18 -22.35
C VAL D 141 5.08 11.52 -22.02
N GLY D 142 4.84 11.99 -20.79
CA GLY D 142 3.50 12.34 -20.36
C GLY D 142 2.59 11.16 -20.13
N VAL D 143 3.10 9.94 -20.13
CA VAL D 143 2.30 8.74 -19.94
C VAL D 143 2.22 8.44 -18.45
N SER D 144 1.03 8.10 -17.97
CA SER D 144 0.79 7.81 -16.56
C SER D 144 -0.24 6.70 -16.47
N SER D 145 0.17 5.54 -15.98
CA SER D 145 -0.69 4.38 -15.86
C SER D 145 -0.88 4.01 -14.40
N THR D 146 -2.10 3.63 -14.04
CA THR D 146 -2.39 3.20 -12.68
C THR D 146 -1.72 1.85 -12.39
N GLN D 147 -1.70 1.49 -11.11
CA GLN D 147 -1.15 0.21 -10.71
C GLN D 147 -2.13 -0.92 -11.07
N LEU D 148 -1.70 -2.15 -10.83
CA LEU D 148 -2.58 -3.31 -11.00
C LEU D 148 -3.66 -3.27 -9.92
N ILE D 149 -4.90 -3.03 -10.33
CA ILE D 149 -6.01 -2.85 -9.41
C ILE D 149 -6.73 -4.19 -9.28
N ARG D 150 -6.65 -4.80 -8.11
CA ARG D 150 -7.29 -6.09 -7.85
C ARG D 150 -8.77 -5.86 -7.55
N ASN D 151 -9.63 -6.30 -8.47
CA ASN D 151 -11.07 -6.19 -8.24
C ASN D 151 -11.58 -7.17 -7.20
N GLY D 152 -10.79 -8.20 -6.87
CA GLY D 152 -11.20 -9.18 -5.90
C GLY D 152 -12.11 -10.27 -6.41
N ASP D 153 -12.62 -10.15 -7.63
CA ASP D 153 -13.49 -11.16 -8.23
C ASP D 153 -12.80 -11.85 -9.41
N TRP D 154 -11.52 -12.17 -9.23
CA TRP D 154 -10.69 -12.89 -10.20
C TRP D 154 -10.30 -12.01 -11.40
N THR D 155 -10.98 -10.88 -11.59
CA THR D 155 -10.65 -9.97 -12.67
C THR D 155 -9.83 -8.79 -12.15
N PHE D 156 -9.18 -8.09 -13.08
CA PHE D 156 -8.34 -6.95 -12.77
C PHE D 156 -8.76 -5.75 -13.62
N GLN D 157 -8.08 -4.62 -13.39
CA GLN D 157 -8.43 -3.38 -14.06
C GLN D 157 -7.24 -2.43 -14.01
N VAL D 158 -7.10 -1.61 -15.05
CA VAL D 158 -5.98 -0.67 -15.16
C VAL D 158 -6.42 0.51 -16.02
N LEU D 159 -5.91 1.69 -15.68
CA LEU D 159 -6.19 2.92 -16.41
C LEU D 159 -4.88 3.56 -16.81
N VAL D 160 -4.74 3.85 -18.11
CA VAL D 160 -3.55 4.52 -18.63
C VAL D 160 -3.95 5.88 -19.16
N MET D 161 -3.04 6.84 -19.06
CA MET D 161 -3.31 8.22 -19.45
C MET D 161 -2.17 8.77 -20.27
N LEU D 162 -2.50 9.52 -21.33
CA LEU D 162 -1.53 10.14 -22.21
C LEU D 162 -1.93 11.59 -22.45
N GLU D 163 -1.01 12.52 -22.19
CA GLU D 163 -1.25 13.94 -22.44
C GLU D 163 -1.19 14.18 -23.95
N MET D 164 -2.35 14.35 -24.58
CA MET D 164 -2.47 14.50 -26.02
C MET D 164 -2.68 15.97 -26.36
N THR D 165 -1.65 16.61 -26.89
CA THR D 165 -1.68 18.01 -27.29
C THR D 165 -1.94 18.24 -28.78
N PRO D 166 -1.40 17.41 -29.72
CA PRO D 166 -1.51 17.73 -31.14
C PRO D 166 -2.90 17.97 -31.70
N ARG D 167 -2.95 18.40 -32.95
CA ARG D 167 -4.15 18.91 -33.59
C ARG D 167 -5.24 17.85 -33.68
N ARG D 168 -6.48 18.31 -33.83
CA ARG D 168 -7.63 17.43 -34.01
C ARG D 168 -7.47 16.53 -35.24
N GLY D 169 -6.77 17.01 -36.27
CA GLY D 169 -6.61 16.24 -37.49
C GLY D 169 -5.93 14.89 -37.30
N GLU D 170 -5.21 14.72 -36.20
CA GLU D 170 -4.56 13.45 -35.91
C GLU D 170 -5.47 12.57 -35.05
N VAL D 171 -5.32 11.25 -35.23
CA VAL D 171 -6.08 10.27 -34.47
C VAL D 171 -5.13 9.54 -33.53
N TYR D 172 -5.63 9.21 -32.35
CA TYR D 172 -4.85 8.50 -31.34
C TYR D 172 -5.36 7.07 -31.21
N THR D 173 -4.55 6.23 -30.57
CA THR D 173 -4.92 4.83 -30.40
C THR D 173 -4.23 4.25 -29.18
N CYS D 174 -4.94 3.35 -28.50
CA CYS D 174 -4.42 2.62 -27.35
C CYS D 174 -4.10 1.19 -27.77
N HIS D 175 -2.95 0.69 -27.33
CA HIS D 175 -2.45 -0.62 -27.73
C HIS D 175 -2.09 -1.42 -26.49
N VAL D 176 -2.70 -2.60 -26.34
CA VAL D 176 -2.47 -3.47 -25.21
C VAL D 176 -2.07 -4.85 -25.70
N GLU D 177 -1.18 -5.51 -24.96
CA GLU D 177 -0.65 -6.82 -25.33
C GLU D 177 -0.85 -7.76 -24.15
N HIS D 178 -1.92 -8.57 -24.20
CA HIS D 178 -2.27 -9.51 -23.15
C HIS D 178 -2.25 -10.93 -23.68
N PRO D 179 -1.69 -11.88 -22.92
CA PRO D 179 -1.54 -13.25 -23.46
C PRO D 179 -2.85 -13.96 -23.74
N SER D 180 -3.95 -13.59 -23.08
CA SER D 180 -5.21 -14.28 -23.35
C SER D 180 -5.74 -14.00 -24.75
N LEU D 181 -5.27 -12.92 -25.39
CA LEU D 181 -5.63 -12.61 -26.76
C LEU D 181 -4.43 -12.87 -27.66
N LYS D 182 -4.68 -13.54 -28.79
CA LYS D 182 -3.60 -13.94 -29.68
C LYS D 182 -2.88 -12.72 -30.27
N SER D 183 -3.64 -11.84 -30.94
CA SER D 183 -3.12 -10.61 -31.53
C SER D 183 -3.56 -9.41 -30.70
N PRO D 184 -2.64 -8.48 -30.42
CA PRO D 184 -2.96 -7.33 -29.57
C PRO D 184 -4.10 -6.50 -30.16
N ILE D 185 -5.17 -6.36 -29.36
CA ILE D 185 -6.30 -5.54 -29.78
C ILE D 185 -5.88 -4.07 -29.75
N THR D 186 -6.37 -3.30 -30.71
CA THR D 186 -5.99 -1.90 -30.87
C THR D 186 -7.26 -1.06 -30.97
N VAL D 187 -7.44 -0.13 -30.04
CA VAL D 187 -8.61 0.73 -29.99
C VAL D 187 -8.20 2.13 -30.43
N GLU D 188 -8.96 2.69 -31.38
CA GLU D 188 -8.66 3.98 -31.97
C GLU D 188 -9.70 5.00 -31.55
N TRP D 189 -9.25 6.26 -31.41
CA TRP D 189 -10.14 7.37 -31.08
C TRP D 189 -9.83 8.54 -32.00
N ARG D 190 -10.87 9.09 -32.62
CA ARG D 190 -10.76 10.23 -33.51
C ARG D 190 -11.09 11.51 -32.75
N ALA D 191 -10.46 12.60 -33.18
CA ALA D 191 -10.73 13.91 -32.58
C ALA D 191 -11.72 14.70 -33.43
#